data_5LX8
#
_entry.id   5LX8
#
_cell.length_a   107.633
_cell.length_b   129.380
_cell.length_c   86.610
_cell.angle_alpha   90.00
_cell.angle_beta   90.00
_cell.angle_gamma   90.00
#
_symmetry.space_group_name_H-M   'C 2 2 21'
#
loop_
_entity.id
_entity.type
_entity.pdbx_description
1 polymer 'SusD homolog'
2 non-polymer 'SULFATE ION'
3 non-polymer 'SODIUM ION'
4 water water
#
_entity_poly.entity_id   1
_entity_poly.type   'polypeptide(L)'
_entity_poly.pdbx_seq_one_letter_code
;MKKIIYIATIGITLLTTSCDDFLDRQVPQGIVTGDQIASPEYVDNLVISAYAIWATGDDINSSFSLWNYDVRSDDCYKGG
SGTEDGGVFNALEISKGINTTDWNINDIWKRLYQCITRANTALQSLDQMDEKTYPLKNQRIAEMRFLRGHAHFMLKQLFK
KIVIVNDENMEPDAYNELSNTTYTNDEQWQKIADDFQFAYDNLPEVQIEKGRPAQAAAAAYLAKTYLYKAYRQDGADNAL
TGINEEDLKQVVKYTDPLIMAKGGYGLETDYSMNFLPQYENGAESVWAIQYSINDGTYNGNLNWGMGLTTPQILGCCDFH
KPSQNLVNAFKTDSQGKPLFSTYDNENYEVATDNVDPRLFHTVGMPGFPYKYNEGYIIQKNDDWSRSKGLYGYYVSLKEN
VDPDCDCLKKGSYWASSLNHIVIRYADVLLMRAEALIQLNDGRITDAISLINEVRSRAAGSTMLIFNYKEDYGVNFKVTP
YDLKAYAQDEAMKMLKWERRVEFGMESSRFFDLVRWGEAKDVINAYYVTEASRCSIYKNAGFTENKNEYLPVPFEQISAS
NGNYTQNFGW
;
_entity_poly.pdbx_strand_id   A
#
loop_
_chem_comp.id
_chem_comp.type
_chem_comp.name
_chem_comp.formula
NA non-polymer 'SODIUM ION' 'Na 1'
SO4 non-polymer 'SULFATE ION' 'O4 S -2'
#
# COMPACT_ATOMS: atom_id res chain seq x y z
N VAL A 32 14.17 23.50 -36.84
CA VAL A 32 14.33 24.97 -36.91
C VAL A 32 14.38 25.49 -35.46
N THR A 33 15.58 25.90 -35.04
CA THR A 33 15.88 26.25 -33.65
C THR A 33 14.86 27.22 -32.96
N GLY A 34 14.59 28.35 -33.63
CA GLY A 34 13.75 29.41 -33.10
C GLY A 34 12.26 29.08 -33.20
N ASP A 35 11.89 27.97 -33.84
CA ASP A 35 10.47 27.52 -33.86
C ASP A 35 10.10 26.44 -32.80
N GLN A 36 11.03 26.06 -31.93
CA GLN A 36 10.82 25.02 -30.93
C GLN A 36 10.11 25.62 -29.71
N ILE A 37 8.89 25.17 -29.48
CA ILE A 37 8.13 25.62 -28.31
C ILE A 37 8.74 25.09 -27.00
N ALA A 38 9.33 23.90 -27.10
CA ALA A 38 9.88 23.20 -25.96
C ALA A 38 11.16 22.46 -26.31
N SER A 39 12.27 22.79 -25.63
CA SER A 39 13.53 22.05 -25.78
C SER A 39 13.55 20.75 -24.96
N PRO A 40 14.45 19.82 -25.32
CA PRO A 40 14.61 18.61 -24.49
C PRO A 40 14.82 18.87 -23.01
N GLU A 41 15.69 19.81 -22.69
CA GLU A 41 16.00 20.12 -21.31
C GLU A 41 14.74 20.54 -20.57
N TYR A 42 13.92 21.39 -21.19
CA TYR A 42 12.72 21.89 -20.52
C TYR A 42 11.72 20.74 -20.32
N VAL A 43 11.58 19.90 -21.34
CA VAL A 43 10.63 18.79 -21.24
C VAL A 43 11.12 17.76 -20.20
N ASP A 44 12.41 17.49 -20.20
CA ASP A 44 12.93 16.58 -19.17
C ASP A 44 12.72 17.14 -17.78
N ASN A 45 12.91 18.44 -17.62
CA ASN A 45 12.56 19.08 -16.34
C ASN A 45 11.09 18.91 -15.94
N LEU A 46 10.18 18.99 -16.88
CA LEU A 46 8.77 18.74 -16.57
C LEU A 46 8.56 17.31 -16.09
N VAL A 47 9.24 16.40 -16.75
CA VAL A 47 9.18 14.99 -16.36
C VAL A 47 9.77 14.77 -14.97
N ILE A 48 10.93 15.37 -14.71
CA ILE A 48 11.53 15.23 -13.42
C ILE A 48 10.58 15.83 -12.33
N SER A 49 9.93 16.95 -12.64
CA SER A 49 8.98 17.57 -11.72
CA SER A 49 9.00 17.54 -11.66
C SER A 49 7.82 16.64 -11.42
N ALA A 50 7.38 15.91 -12.46
CA ALA A 50 6.27 14.98 -12.29
C ALA A 50 6.65 13.80 -11.38
N TYR A 51 7.89 13.35 -11.44
CA TYR A 51 8.36 12.38 -10.45
C TYR A 51 8.52 12.99 -9.05
N ALA A 52 9.07 14.20 -9.03
CA ALA A 52 9.48 14.85 -7.76
C ALA A 52 8.32 15.05 -6.78
N ILE A 53 7.15 15.34 -7.30
CA ILE A 53 6.00 15.55 -6.45
C ILE A 53 5.61 14.31 -5.64
N TRP A 54 5.99 13.13 -6.14
CA TRP A 54 5.78 11.92 -5.37
C TRP A 54 6.61 11.86 -4.08
N ALA A 55 7.74 12.57 -4.06
CA ALA A 55 8.59 12.67 -2.86
C ALA A 55 8.34 13.90 -2.05
N THR A 56 7.86 14.97 -2.65
CA THR A 56 7.73 16.27 -1.96
C THR A 56 6.30 16.76 -1.79
N GLY A 57 5.33 16.06 -2.41
CA GLY A 57 3.93 16.55 -2.54
C GLY A 57 3.06 16.08 -1.39
N ASP A 58 3.58 15.21 -0.52
CA ASP A 58 2.77 14.70 0.58
C ASP A 58 3.28 15.34 1.86
N ASP A 59 2.71 14.93 2.99
CA ASP A 59 3.12 15.52 4.28
C ASP A 59 2.77 14.58 5.41
N ILE A 60 3.06 15.01 6.64
CA ILE A 60 2.97 14.17 7.83
C ILE A 60 1.59 13.54 8.04
N ASN A 61 0.52 14.26 7.72
CA ASN A 61 -0.84 13.76 7.88
C ASN A 61 -1.50 13.37 6.55
N SER A 62 -0.69 13.28 5.50
CA SER A 62 -1.20 12.95 4.14
CA SER A 62 -1.19 12.98 4.15
C SER A 62 -0.13 12.23 3.35
N SER A 63 0.46 11.20 3.94
CA SER A 63 1.55 10.46 3.27
C SER A 63 1.00 9.74 2.07
N PHE A 64 1.78 9.70 0.99
CA PHE A 64 1.41 8.93 -0.19
C PHE A 64 1.54 7.42 -0.01
N SER A 65 2.11 6.99 1.10
CA SER A 65 1.96 5.58 1.50
C SER A 65 0.52 5.27 1.93
N LEU A 66 -0.23 6.33 2.29
CA LEU A 66 -1.58 6.25 2.80
C LEU A 66 -1.67 5.57 4.16
N TRP A 67 -0.55 5.51 4.91
CA TRP A 67 -0.60 4.94 6.25
C TRP A 67 -1.64 5.62 7.14
N ASN A 68 -1.78 6.91 6.99
CA ASN A 68 -2.75 7.68 7.82
C ASN A 68 -4.16 7.16 7.74
N TYR A 69 -4.53 6.58 6.56
CA TYR A 69 -5.84 6.04 6.29
C TYR A 69 -5.94 4.56 6.62
N ASP A 70 -4.82 3.84 6.64
CA ASP A 70 -4.85 2.43 7.01
C ASP A 70 -4.96 2.23 8.53
N VAL A 71 -5.02 3.33 9.29
CA VAL A 71 -5.44 3.20 10.74
C VAL A 71 -6.83 2.60 10.88
N ARG A 72 -7.61 2.64 9.80
CA ARG A 72 -8.89 1.93 9.76
C ARG A 72 -8.78 0.43 9.83
N SER A 73 -7.65 -0.16 9.43
CA SER A 73 -7.51 -1.61 9.40
C SER A 73 -7.30 -2.20 10.78
N ASP A 74 -7.32 -3.53 10.79
CA ASP A 74 -6.96 -4.36 11.95
C ASP A 74 -5.45 -4.46 12.21
N ASP A 75 -4.62 -3.84 11.36
CA ASP A 75 -3.17 -3.85 11.52
C ASP A 75 -2.65 -2.84 12.51
N CYS A 76 -3.36 -1.73 12.70
CA CYS A 76 -2.76 -0.71 13.46
C CYS A 76 -3.66 0.28 14.16
N TYR A 77 -3.00 1.07 15.00
CA TYR A 77 -3.66 2.17 15.72
C TYR A 77 -3.04 3.47 15.26
N LYS A 78 -3.77 4.59 15.41
CA LYS A 78 -3.27 5.90 15.07
C LYS A 78 -1.95 6.22 15.81
N GLY A 79 -1.95 6.02 17.12
CA GLY A 79 -0.86 6.49 17.97
C GLY A 79 -0.91 7.99 18.20
N GLY A 80 0.25 8.52 18.55
CA GLY A 80 0.37 9.91 18.98
C GLY A 80 0.06 10.06 20.47
N SER A 81 -0.25 11.29 20.89
CA SER A 81 -0.40 11.59 22.33
C SER A 81 -1.74 11.11 22.91
N GLY A 82 -2.71 10.92 22.05
CA GLY A 82 -4.06 10.47 22.45
C GLY A 82 -5.04 10.61 21.32
N THR A 83 -6.33 10.37 21.61
CA THR A 83 -7.32 10.28 20.55
C THR A 83 -7.51 11.59 19.82
N GLU A 84 -7.24 12.70 20.48
CA GLU A 84 -7.40 14.01 19.87
C GLU A 84 -6.18 14.53 19.16
N ASP A 85 -5.10 13.73 19.12
CA ASP A 85 -3.91 14.08 18.39
C ASP A 85 -4.12 13.60 16.95
N GLY A 86 -4.82 14.41 16.16
CA GLY A 86 -5.31 13.99 14.87
C GLY A 86 -6.70 13.40 15.05
N GLY A 87 -7.62 14.22 15.58
CA GLY A 87 -8.97 13.75 15.85
C GLY A 87 -9.70 13.17 14.64
N VAL A 88 -9.52 13.79 13.49
CA VAL A 88 -10.11 13.27 12.21
C VAL A 88 -9.64 11.85 11.90
N PHE A 89 -8.42 11.50 12.35
CA PHE A 89 -7.86 10.14 12.09
C PHE A 89 -8.34 9.17 13.13
N ASN A 90 -8.54 9.62 14.38
CA ASN A 90 -9.27 8.82 15.31
C ASN A 90 -10.64 8.45 14.81
N ALA A 91 -11.30 9.43 14.24
CA ALA A 91 -12.66 9.18 13.73
C ALA A 91 -12.61 8.11 12.62
N LEU A 92 -11.62 8.21 11.75
CA LEU A 92 -11.43 7.12 10.73
C LEU A 92 -11.15 5.80 11.39
N GLU A 93 -10.25 5.79 12.37
CA GLU A 93 -9.90 4.51 13.02
C GLU A 93 -11.11 3.75 13.56
N ILE A 94 -12.04 4.48 14.20
CA ILE A 94 -13.22 3.87 14.81
C ILE A 94 -14.50 3.92 13.94
N SER A 95 -14.42 4.53 12.75
CA SER A 95 -15.53 4.66 11.76
C SER A 95 -16.69 5.54 12.28
N LYS A 96 -16.40 6.44 13.20
CA LYS A 96 -17.45 7.27 13.85
C LYS A 96 -17.00 8.69 13.85
N GLY A 97 -17.92 9.60 13.47
CA GLY A 97 -17.64 11.03 13.48
C GLY A 97 -16.73 11.53 12.39
N ILE A 98 -16.66 10.77 11.30
CA ILE A 98 -16.06 11.20 10.04
C ILE A 98 -17.04 12.15 9.38
N ASN A 99 -16.56 13.24 8.83
CA ASN A 99 -17.42 14.23 8.13
C ASN A 99 -16.99 14.44 6.69
N THR A 100 -17.96 14.68 5.81
CA THR A 100 -17.67 15.01 4.40
C THR A 100 -16.73 16.20 4.25
N THR A 101 -16.72 17.08 5.27
CA THR A 101 -15.95 18.29 5.28
C THR A 101 -14.54 18.18 5.90
N ASP A 102 -14.16 17.02 6.39
CA ASP A 102 -12.92 16.90 7.15
C ASP A 102 -11.72 17.38 6.34
N TRP A 103 -10.89 18.20 6.98
CA TRP A 103 -9.73 18.84 6.31
C TRP A 103 -8.78 17.84 5.62
N ASN A 104 -8.60 16.70 6.28
CA ASN A 104 -7.62 15.67 5.83
C ASN A 104 -8.12 15.00 4.55
N ILE A 105 -9.41 14.82 4.45
CA ILE A 105 -10.04 14.10 3.33
C ILE A 105 -9.92 14.95 2.07
N ASN A 106 -10.25 16.22 2.20
CA ASN A 106 -10.06 17.14 1.09
C ASN A 106 -8.58 17.29 0.74
N ASP A 107 -7.72 17.30 1.75
CA ASP A 107 -6.28 17.51 1.52
C ASP A 107 -5.66 16.34 0.66
N ILE A 108 -5.97 15.10 1.02
CA ILE A 108 -5.41 13.91 0.25
C ILE A 108 -5.95 13.87 -1.17
N TRP A 109 -7.26 14.18 -1.34
CA TRP A 109 -7.81 14.36 -2.68
C TRP A 109 -6.97 15.39 -3.49
N LYS A 110 -6.79 16.58 -2.91
CA LYS A 110 -6.13 17.65 -3.63
CA LYS A 110 -6.11 17.65 -3.60
C LYS A 110 -4.67 17.25 -3.92
N ARG A 111 -4.00 16.66 -2.93
CA ARG A 111 -2.57 16.35 -3.13
C ARG A 111 -2.38 15.32 -4.23
N LEU A 112 -3.25 14.32 -4.30
CA LEU A 112 -3.16 13.28 -5.34
C LEU A 112 -3.50 13.87 -6.72
N TYR A 113 -4.51 14.74 -6.77
CA TYR A 113 -4.81 15.44 -8.03
C TYR A 113 -3.66 16.36 -8.49
N GLN A 114 -2.87 16.91 -7.56
CA GLN A 114 -1.71 17.74 -7.93
C GLN A 114 -0.67 16.88 -8.66
N CYS A 115 -0.53 15.62 -8.22
CA CYS A 115 0.38 14.70 -8.92
C CYS A 115 -0.09 14.46 -10.35
N ILE A 116 -1.40 14.31 -10.54
CA ILE A 116 -1.97 14.13 -11.88
C ILE A 116 -1.76 15.38 -12.73
N THR A 117 -1.97 16.56 -12.13
CA THR A 117 -1.71 17.80 -12.84
C THR A 117 -0.27 17.87 -13.38
N ARG A 118 0.71 17.50 -12.56
CA ARG A 118 2.10 17.57 -13.00
C ARG A 118 2.39 16.58 -14.11
N ALA A 119 1.85 15.37 -14.00
CA ALA A 119 2.02 14.39 -15.08
C ALA A 119 1.41 14.89 -16.37
N ASN A 120 0.21 15.46 -16.26
CA ASN A 120 -0.46 16.02 -17.44
C ASN A 120 0.26 17.21 -18.07
N THR A 121 0.85 18.07 -17.25
CA THR A 121 1.70 19.15 -17.77
C THR A 121 2.87 18.63 -18.57
N ALA A 122 3.53 17.57 -18.07
CA ALA A 122 4.58 16.96 -18.80
C ALA A 122 4.07 16.39 -20.11
N LEU A 123 2.94 15.68 -20.09
CA LEU A 123 2.41 15.11 -21.29
C LEU A 123 2.02 16.13 -22.34
N GLN A 124 1.47 17.26 -21.89
CA GLN A 124 1.12 18.36 -22.81
C GLN A 124 2.32 18.79 -23.66
N SER A 125 3.48 18.92 -23.05
CA SER A 125 4.69 19.23 -23.79
C SER A 125 5.20 18.03 -24.56
N LEU A 126 5.24 16.84 -23.92
CA LEU A 126 5.73 15.63 -24.61
C LEU A 126 4.97 15.34 -25.90
N ASP A 127 3.66 15.52 -25.87
CA ASP A 127 2.83 15.21 -27.03
C ASP A 127 3.23 16.00 -28.26
N GLN A 128 3.72 17.22 -28.05
CA GLN A 128 4.15 18.11 -29.13
C GLN A 128 5.56 17.83 -29.63
N MET A 129 6.36 16.97 -28.96
CA MET A 129 7.77 16.82 -29.34
C MET A 129 7.91 15.99 -30.62
N ASP A 130 8.98 16.23 -31.32
CA ASP A 130 9.33 15.49 -32.53
C ASP A 130 10.30 14.42 -32.07
N GLU A 131 10.01 13.18 -32.39
CA GLU A 131 10.91 12.08 -32.00
C GLU A 131 12.34 12.17 -32.53
N LYS A 132 12.53 12.90 -33.63
CA LYS A 132 13.84 13.10 -34.21
C LYS A 132 14.66 13.98 -33.29
N THR A 133 14.03 14.93 -32.63
CA THR A 133 14.65 15.81 -31.62
C THR A 133 14.68 15.17 -30.24
N TYR A 134 13.66 14.38 -29.94
CA TYR A 134 13.45 13.86 -28.60
C TYR A 134 13.12 12.39 -28.73
N PRO A 135 14.18 11.59 -28.97
CA PRO A 135 13.95 10.16 -29.37
C PRO A 135 13.19 9.31 -28.33
N LEU A 136 13.30 9.62 -27.06
CA LEU A 136 12.56 8.87 -26.05
C LEU A 136 11.17 9.40 -25.76
N LYS A 137 10.60 10.17 -26.72
CA LYS A 137 9.25 10.71 -26.55
C LYS A 137 8.27 9.67 -26.06
N ASN A 138 8.17 8.53 -26.75
CA ASN A 138 7.14 7.60 -26.42
C ASN A 138 7.36 6.95 -25.04
N GLN A 139 8.62 6.71 -24.70
CA GLN A 139 8.91 6.12 -23.40
C GLN A 139 8.56 7.11 -22.27
N ARG A 140 8.92 8.36 -22.48
CA ARG A 140 8.59 9.41 -21.47
C ARG A 140 7.09 9.60 -21.32
N ILE A 141 6.36 9.56 -22.45
CA ILE A 141 4.89 9.59 -22.40
C ILE A 141 4.40 8.41 -21.53
N ALA A 142 4.96 7.22 -21.77
CA ALA A 142 4.59 6.04 -20.98
C ALA A 142 4.85 6.25 -19.49
N GLU A 143 6.03 6.81 -19.14
CA GLU A 143 6.35 7.12 -17.74
C GLU A 143 5.29 8.04 -17.13
N MET A 144 4.89 9.08 -17.85
CA MET A 144 3.91 10.02 -17.30
C MET A 144 2.53 9.40 -17.17
N ARG A 145 2.12 8.60 -18.14
CA ARG A 145 0.86 7.83 -18.04
C ARG A 145 0.85 6.84 -16.90
N PHE A 146 2.00 6.24 -16.61
CA PHE A 146 2.12 5.36 -15.48
C PHE A 146 1.91 6.14 -14.16
N LEU A 147 2.57 7.29 -14.04
CA LEU A 147 2.41 8.11 -12.85
C LEU A 147 0.94 8.58 -12.68
N ARG A 148 0.31 8.93 -13.79
CA ARG A 148 -1.08 9.35 -13.78
C ARG A 148 -1.96 8.18 -13.31
N GLY A 149 -1.63 6.97 -13.78
CA GLY A 149 -2.35 5.81 -13.37
C GLY A 149 -2.17 5.55 -11.88
N HIS A 150 -0.94 5.71 -11.38
CA HIS A 150 -0.63 5.51 -9.94
C HIS A 150 -1.53 6.42 -9.08
N ALA A 151 -1.60 7.69 -9.45
CA ALA A 151 -2.42 8.64 -8.67
C ALA A 151 -3.91 8.29 -8.75
N HIS A 152 -4.42 8.00 -9.94
CA HIS A 152 -5.86 7.66 -10.09
C HIS A 152 -6.21 6.35 -9.34
N PHE A 153 -5.31 5.37 -9.35
CA PHE A 153 -5.49 4.13 -8.64
C PHE A 153 -5.67 4.38 -7.15
N MET A 154 -4.78 5.19 -6.56
CA MET A 154 -4.87 5.44 -5.12
C MET A 154 -6.14 6.25 -4.79
N LEU A 155 -6.45 7.23 -5.64
CA LEU A 155 -7.71 8.00 -5.47
C LEU A 155 -8.90 7.05 -5.52
N LYS A 156 -8.90 6.10 -6.47
CA LYS A 156 -9.94 5.12 -6.61
C LYS A 156 -10.08 4.24 -5.37
N GLN A 157 -8.96 3.74 -4.82
CA GLN A 157 -9.02 2.99 -3.56
C GLN A 157 -9.62 3.82 -2.41
N LEU A 158 -9.19 5.06 -2.32
CA LEU A 158 -9.65 5.92 -1.19
C LEU A 158 -11.12 6.30 -1.30
N PHE A 159 -11.52 6.73 -2.50
CA PHE A 159 -12.78 7.49 -2.69
C PHE A 159 -13.81 6.80 -3.54
N LYS A 160 -13.40 5.80 -4.32
CA LYS A 160 -14.27 5.09 -5.28
C LYS A 160 -14.75 5.89 -6.49
N LYS A 161 -15.55 6.90 -6.21
CA LYS A 161 -16.18 7.68 -7.28
C LYS A 161 -15.30 8.88 -7.58
N ILE A 162 -14.45 8.74 -8.58
CA ILE A 162 -13.39 9.72 -8.86
C ILE A 162 -13.57 10.38 -10.23
N VAL A 163 -12.89 11.50 -10.38
CA VAL A 163 -12.79 12.17 -11.65
C VAL A 163 -11.62 11.58 -12.43
N ILE A 164 -11.89 11.14 -13.66
CA ILE A 164 -10.83 10.70 -14.57
C ILE A 164 -10.28 11.90 -15.35
N VAL A 165 -9.05 12.33 -15.06
CA VAL A 165 -8.44 13.48 -15.70
C VAL A 165 -7.31 12.93 -16.57
N ASN A 166 -7.71 12.40 -17.72
CA ASN A 166 -6.78 11.76 -18.62
C ASN A 166 -6.63 12.41 -19.98
N ASP A 167 -7.09 13.65 -20.10
CA ASP A 167 -6.87 14.40 -21.33
C ASP A 167 -6.04 15.58 -20.96
N GLU A 168 -4.75 15.45 -21.16
CA GLU A 168 -3.79 16.48 -20.82
C GLU A 168 -3.97 17.74 -21.69
N ASN A 169 -4.67 17.63 -22.80
CA ASN A 169 -4.89 18.77 -23.69
C ASN A 169 -6.24 19.46 -23.46
N MET A 170 -6.92 19.12 -22.37
CA MET A 170 -8.28 19.63 -22.16
C MET A 170 -8.32 21.15 -21.94
N GLU A 171 -9.24 21.83 -22.64
CA GLU A 171 -9.48 23.27 -22.45
C GLU A 171 -10.14 23.62 -21.09
N PRO A 172 -9.96 24.87 -20.59
CA PRO A 172 -10.67 25.28 -19.35
C PRO A 172 -12.19 24.94 -19.27
N ASP A 173 -12.95 25.12 -20.36
CA ASP A 173 -14.40 24.83 -20.34
C ASP A 173 -14.72 23.35 -20.11
N ALA A 174 -14.08 22.45 -20.88
CA ALA A 174 -14.19 21.00 -20.67
C ALA A 174 -13.69 20.67 -19.24
N TYR A 175 -12.57 21.27 -18.83
CA TYR A 175 -11.98 21.00 -17.52
C TYR A 175 -12.94 21.37 -16.40
N ASN A 176 -13.62 22.50 -16.59
CA ASN A 176 -14.57 22.96 -15.60
C ASN A 176 -15.83 22.08 -15.54
N GLU A 177 -16.17 21.35 -16.58
CA GLU A 177 -17.35 20.45 -16.47
C GLU A 177 -17.01 18.98 -16.10
N LEU A 178 -15.79 18.72 -15.63
CA LEU A 178 -15.46 17.35 -15.22
C LEU A 178 -16.38 16.84 -14.11
N SER A 179 -16.65 15.55 -14.13
CA SER A 179 -17.57 14.91 -13.20
C SER A 179 -16.95 13.59 -12.70
N ASN A 180 -17.31 13.19 -11.47
CA ASN A 180 -16.93 11.86 -10.97
C ASN A 180 -17.95 10.78 -11.27
N THR A 181 -18.92 11.07 -12.16
CA THR A 181 -19.87 10.03 -12.64
C THR A 181 -20.05 9.99 -14.15
N THR A 182 -19.11 10.59 -14.88
CA THR A 182 -19.04 10.42 -16.31
C THR A 182 -18.93 8.94 -16.66
N TYR A 183 -18.14 8.22 -15.84
CA TYR A 183 -17.92 6.81 -16.04
C TYR A 183 -18.51 6.00 -14.91
N THR A 184 -18.97 4.81 -15.25
CA THR A 184 -19.48 3.86 -14.23
C THR A 184 -18.28 3.39 -13.39
N ASN A 185 -18.57 2.73 -12.28
CA ASN A 185 -17.47 2.22 -11.45
C ASN A 185 -16.49 1.36 -12.26
N ASP A 186 -17.04 0.44 -13.04
CA ASP A 186 -16.22 -0.46 -13.84
C ASP A 186 -15.44 0.30 -14.89
N GLU A 187 -16.09 1.26 -15.57
CA GLU A 187 -15.38 2.06 -16.57
C GLU A 187 -14.27 2.91 -15.96
N GLN A 188 -14.47 3.42 -14.75
CA GLN A 188 -13.42 4.18 -14.09
C GLN A 188 -12.19 3.29 -13.85
N TRP A 189 -12.39 2.05 -13.40
CA TRP A 189 -11.25 1.12 -13.28
C TRP A 189 -10.62 0.87 -14.66
N GLN A 190 -11.46 0.76 -15.70
CA GLN A 190 -10.89 0.56 -17.08
C GLN A 190 -10.00 1.69 -17.52
N LYS A 191 -10.40 2.92 -17.18
CA LYS A 191 -9.63 4.07 -17.60
C LYS A 191 -8.23 4.08 -16.94
N ILE A 192 -8.16 3.65 -15.68
CA ILE A 192 -6.87 3.50 -15.00
C ILE A 192 -6.02 2.44 -15.70
N ALA A 193 -6.63 1.29 -15.96
CA ALA A 193 -5.97 0.22 -16.67
C ALA A 193 -5.42 0.69 -18.01
N ASP A 194 -6.18 1.55 -18.72
CA ASP A 194 -5.74 2.04 -20.01
C ASP A 194 -4.42 2.76 -19.95
N ASP A 195 -4.18 3.53 -18.89
CA ASP A 195 -2.90 4.18 -18.74
C ASP A 195 -1.76 3.16 -18.50
N PHE A 196 -2.00 2.15 -17.67
CA PHE A 196 -0.97 1.16 -17.42
C PHE A 196 -0.70 0.29 -18.65
N GLN A 197 -1.76 0.04 -19.42
CA GLN A 197 -1.67 -0.68 -20.67
C GLN A 197 -0.73 0.05 -21.64
N PHE A 198 -0.95 1.34 -21.85
CA PHE A 198 -0.07 2.12 -22.71
C PHE A 198 1.36 1.98 -22.15
N ALA A 199 1.50 2.15 -20.84
CA ALA A 199 2.80 2.07 -20.24
C ALA A 199 3.47 0.70 -20.47
N TYR A 200 2.71 -0.37 -20.33
CA TYR A 200 3.23 -1.73 -20.60
C TYR A 200 3.74 -1.85 -22.04
N ASP A 201 2.98 -1.25 -22.94
CA ASP A 201 3.25 -1.37 -24.36
C ASP A 201 4.45 -0.54 -24.82
N ASN A 202 4.91 0.40 -24.01
CA ASN A 202 5.88 1.37 -24.45
C ASN A 202 7.09 1.56 -23.53
N LEU A 203 7.10 1.01 -22.32
CA LEU A 203 8.26 1.14 -21.48
C LEU A 203 9.33 0.13 -21.80
N PRO A 204 10.60 0.49 -21.57
CA PRO A 204 11.64 -0.51 -21.75
C PRO A 204 11.56 -1.59 -20.68
N GLU A 205 12.14 -2.75 -20.99
CA GLU A 205 12.25 -3.83 -20.03
C GLU A 205 13.15 -3.53 -18.85
N VAL A 206 14.20 -2.73 -19.06
CA VAL A 206 15.15 -2.38 -18.02
C VAL A 206 15.36 -0.88 -18.02
N GLN A 207 15.38 -0.28 -16.83
CA GLN A 207 15.71 1.14 -16.67
C GLN A 207 17.01 1.24 -15.91
N ILE A 208 17.92 2.11 -16.37
CA ILE A 208 19.11 2.49 -15.62
C ILE A 208 18.78 3.31 -14.40
N GLU A 209 17.84 4.23 -14.52
CA GLU A 209 17.46 5.13 -13.45
C GLU A 209 16.26 4.48 -12.84
N LYS A 210 16.48 3.90 -11.66
CA LYS A 210 15.51 2.94 -11.10
C LYS A 210 14.15 3.51 -10.68
N GLY A 211 14.08 4.80 -10.42
CA GLY A 211 12.77 5.40 -10.16
C GLY A 211 11.83 5.42 -11.34
N ARG A 212 12.36 5.28 -12.55
CA ARG A 212 11.51 5.22 -13.72
C ARG A 212 10.91 3.82 -13.85
N PRO A 213 9.57 3.70 -14.03
CA PRO A 213 8.99 2.35 -14.15
C PRO A 213 9.50 1.61 -15.37
N ALA A 214 9.74 0.30 -15.19
CA ALA A 214 10.03 -0.57 -16.32
C ALA A 214 8.76 -1.25 -16.82
N GLN A 215 8.86 -1.98 -17.95
CA GLN A 215 7.69 -2.67 -18.48
C GLN A 215 7.00 -3.54 -17.43
N ALA A 216 7.80 -4.29 -16.66
CA ALA A 216 7.21 -5.17 -15.65
C ALA A 216 6.44 -4.46 -14.55
N ALA A 217 6.85 -3.24 -14.21
CA ALA A 217 6.13 -2.46 -13.23
C ALA A 217 4.78 -2.05 -13.79
N ALA A 218 4.73 -1.69 -15.07
CA ALA A 218 3.42 -1.42 -15.69
C ALA A 218 2.57 -2.66 -15.76
N ALA A 219 3.19 -3.80 -16.10
CA ALA A 219 2.44 -5.06 -16.06
C ALA A 219 1.87 -5.35 -14.65
N ALA A 220 2.70 -5.24 -13.63
CA ALA A 220 2.25 -5.43 -12.25
C ALA A 220 1.13 -4.52 -11.83
N TYR A 221 1.22 -3.26 -12.23
CA TYR A 221 0.18 -2.31 -11.80
C TYR A 221 -1.10 -2.49 -12.63
N LEU A 222 -0.95 -2.87 -13.90
CA LEU A 222 -2.07 -3.23 -14.72
C LEU A 222 -2.79 -4.41 -14.10
N ALA A 223 -2.02 -5.42 -13.66
CA ALA A 223 -2.62 -6.57 -12.96
C ALA A 223 -3.34 -6.17 -11.69
N LYS A 224 -2.72 -5.29 -10.92
CA LYS A 224 -3.33 -4.86 -9.67
C LYS A 224 -4.66 -4.14 -9.92
N THR A 225 -4.67 -3.30 -10.97
CA THR A 225 -5.86 -2.57 -11.40
C THR A 225 -6.97 -3.55 -11.78
N TYR A 226 -6.66 -4.55 -12.60
CA TYR A 226 -7.64 -5.59 -12.94
C TYR A 226 -8.13 -6.42 -11.77
N LEU A 227 -7.25 -6.69 -10.79
CA LEU A 227 -7.67 -7.36 -9.58
C LEU A 227 -8.68 -6.59 -8.78
N TYR A 228 -8.44 -5.28 -8.60
CA TYR A 228 -9.41 -4.46 -7.91
C TYR A 228 -10.69 -4.27 -8.71
N LYS A 229 -10.56 -4.18 -10.01
CA LYS A 229 -11.73 -4.06 -10.91
C LYS A 229 -12.64 -5.34 -10.89
N ALA A 230 -11.99 -6.50 -10.72
CA ALA A 230 -12.67 -7.80 -10.85
C ALA A 230 -13.75 -8.00 -9.80
N TYR A 231 -13.55 -7.47 -8.61
CA TYR A 231 -14.50 -7.63 -7.53
C TYR A 231 -15.50 -6.49 -7.69
N ARG A 232 -16.49 -6.77 -8.50
CA ARG A 232 -17.44 -5.76 -8.97
C ARG A 232 -18.30 -5.17 -7.88
N GLN A 233 -18.48 -3.84 -7.98
CA GLN A 233 -19.49 -3.11 -7.23
C GLN A 233 -20.29 -2.38 -8.31
N ASP A 234 -21.15 -3.13 -9.01
CA ASP A 234 -21.82 -2.58 -10.19
C ASP A 234 -23.21 -2.07 -9.84
N GLY A 235 -23.58 -2.10 -8.57
CA GLY A 235 -24.88 -1.56 -8.08
C GLY A 235 -24.66 -0.17 -7.54
N ALA A 236 -25.68 0.40 -6.91
CA ALA A 236 -25.54 1.80 -6.46
C ALA A 236 -24.66 1.89 -5.20
N ASP A 237 -24.60 0.84 -4.38
CA ASP A 237 -23.90 0.88 -3.11
C ASP A 237 -22.51 0.22 -3.28
N ASN A 238 -21.91 -0.16 -2.17
CA ASN A 238 -20.49 -0.64 -2.14
C ASN A 238 -20.42 -2.16 -2.01
N ALA A 239 -21.57 -2.85 -2.10
CA ALA A 239 -21.56 -4.31 -2.01
C ALA A 239 -20.97 -4.98 -3.26
N LEU A 240 -20.36 -6.12 -3.06
CA LEU A 240 -19.87 -6.95 -4.16
CA LEU A 240 -19.82 -6.91 -4.14
C LEU A 240 -21.02 -7.51 -4.94
N THR A 241 -21.03 -7.28 -6.25
CA THR A 241 -22.09 -7.78 -7.14
C THR A 241 -21.63 -8.98 -7.95
N GLY A 242 -20.33 -9.27 -8.02
CA GLY A 242 -19.88 -10.42 -8.78
C GLY A 242 -18.38 -10.35 -8.82
N ILE A 243 -17.78 -11.40 -9.34
CA ILE A 243 -16.33 -11.45 -9.53
C ILE A 243 -16.11 -11.76 -11.00
N ASN A 244 -15.53 -10.83 -11.74
CA ASN A 244 -15.51 -10.97 -13.17
C ASN A 244 -14.31 -11.76 -13.66
N GLU A 245 -14.54 -12.80 -14.44
CA GLU A 245 -13.48 -13.72 -14.90
C GLU A 245 -12.55 -13.08 -15.90
N GLU A 246 -13.07 -12.18 -16.73
CA GLU A 246 -12.24 -11.55 -17.74
C GLU A 246 -11.21 -10.61 -17.09
N ASP A 247 -11.65 -9.87 -16.08
CA ASP A 247 -10.75 -9.05 -15.31
C ASP A 247 -9.68 -9.94 -14.61
N LEU A 248 -10.13 -11.04 -14.02
CA LEU A 248 -9.17 -12.00 -13.42
C LEU A 248 -8.18 -12.58 -14.40
N LYS A 249 -8.64 -12.95 -15.60
CA LYS A 249 -7.70 -13.40 -16.64
C LYS A 249 -6.65 -12.36 -16.98
N GLN A 250 -7.03 -11.08 -16.93
CA GLN A 250 -6.03 -10.02 -17.16
C GLN A 250 -4.95 -10.00 -16.04
N VAL A 251 -5.34 -10.29 -14.83
CA VAL A 251 -4.38 -10.37 -13.71
C VAL A 251 -3.35 -11.46 -13.98
N VAL A 252 -3.87 -12.61 -14.43
CA VAL A 252 -3.04 -13.76 -14.71
C VAL A 252 -2.15 -13.40 -15.89
N LYS A 253 -2.70 -12.76 -16.92
CA LYS A 253 -1.88 -12.39 -18.04
C LYS A 253 -0.70 -11.47 -17.66
N TYR A 254 -0.98 -10.48 -16.84
CA TYR A 254 0.01 -9.44 -16.58
C TYR A 254 0.88 -9.72 -15.36
N THR A 255 0.64 -10.81 -14.66
CA THR A 255 1.60 -11.31 -13.68
C THR A 255 2.47 -12.48 -14.17
N ASP A 256 2.44 -12.74 -15.47
CA ASP A 256 3.12 -13.88 -16.06
C ASP A 256 4.58 -13.80 -15.68
N PRO A 257 5.13 -14.87 -15.08
CA PRO A 257 6.54 -14.82 -14.73
C PRO A 257 7.46 -14.59 -15.92
N LEU A 258 7.02 -14.90 -17.14
CA LEU A 258 7.86 -14.64 -18.33
C LEU A 258 8.02 -13.16 -18.57
N ILE A 259 6.98 -12.38 -18.26
CA ILE A 259 7.07 -10.93 -18.34
C ILE A 259 8.04 -10.38 -17.28
N MET A 260 7.91 -10.90 -16.05
CA MET A 260 8.67 -10.40 -14.94
C MET A 260 10.16 -10.72 -15.10
N ALA A 261 10.47 -11.84 -15.75
CA ALA A 261 11.84 -12.25 -16.01
C ALA A 261 12.56 -11.30 -16.92
N LYS A 262 11.86 -10.62 -17.84
CA LYS A 262 12.50 -9.64 -18.68
C LYS A 262 13.12 -8.49 -17.89
N GLY A 263 12.58 -8.19 -16.70
CA GLY A 263 13.16 -7.21 -15.79
C GLY A 263 13.98 -7.73 -14.63
N GLY A 264 14.11 -9.05 -14.55
CA GLY A 264 14.84 -9.71 -13.52
C GLY A 264 14.18 -9.63 -12.16
N TYR A 265 12.85 -9.50 -12.09
CA TYR A 265 12.16 -9.27 -10.79
C TYR A 265 11.91 -10.59 -10.04
N GLY A 266 12.01 -10.51 -8.72
CA GLY A 266 11.85 -11.69 -7.89
C GLY A 266 11.91 -11.37 -6.41
N LEU A 267 11.70 -12.39 -5.58
CA LEU A 267 11.81 -12.22 -4.13
C LEU A 267 13.22 -11.91 -3.68
N GLU A 268 13.37 -10.96 -2.75
CA GLU A 268 14.64 -10.78 -2.06
C GLU A 268 14.99 -12.10 -1.34
N THR A 269 16.28 -12.33 -1.21
CA THR A 269 16.76 -13.54 -0.55
C THR A 269 16.21 -13.61 0.88
N ASP A 270 16.21 -12.46 1.56
CA ASP A 270 15.66 -12.33 2.91
C ASP A 270 14.64 -11.18 2.91
N TYR A 271 13.47 -11.46 3.46
CA TYR A 271 12.35 -10.51 3.58
C TYR A 271 12.77 -9.14 4.06
N SER A 272 13.71 -9.10 5.02
CA SER A 272 14.12 -7.84 5.64
C SER A 272 14.74 -6.85 4.67
N MET A 273 15.26 -7.34 3.53
CA MET A 273 16.02 -6.51 2.62
C MET A 273 15.10 -5.49 1.95
N ASN A 274 13.79 -5.76 1.94
CA ASN A 274 12.80 -4.79 1.40
C ASN A 274 12.75 -3.47 2.16
N PHE A 275 13.30 -3.46 3.38
CA PHE A 275 13.05 -2.34 4.30
C PHE A 275 14.35 -1.82 4.97
N LEU A 276 15.44 -1.97 4.25
CA LEU A 276 16.75 -1.53 4.71
C LEU A 276 17.40 -0.64 3.68
N PRO A 277 18.02 0.44 4.17
CA PRO A 277 18.65 1.45 3.28
C PRO A 277 19.75 0.92 2.36
N GLN A 278 20.48 -0.09 2.81
CA GLN A 278 21.59 -0.59 1.98
C GLN A 278 21.20 -1.65 1.01
N TYR A 279 19.91 -1.99 0.95
CA TYR A 279 19.41 -3.03 0.06
C TYR A 279 18.36 -2.47 -0.91
N GLU A 280 18.45 -1.18 -1.24
CA GLU A 280 17.45 -0.54 -2.07
C GLU A 280 17.54 -0.94 -3.54
N ASN A 281 16.40 -0.77 -4.24
CA ASN A 281 16.29 -1.10 -5.66
C ASN A 281 16.74 -2.54 -5.95
N GLY A 282 16.39 -3.45 -5.09
CA GLY A 282 16.71 -4.87 -5.39
C GLY A 282 15.70 -5.51 -6.37
N ALA A 283 15.84 -6.84 -6.51
CA ALA A 283 15.00 -7.56 -7.45
C ALA A 283 13.54 -7.53 -7.07
N GLU A 284 13.22 -7.29 -5.78
CA GLU A 284 11.81 -7.28 -5.37
C GLU A 284 11.16 -5.92 -5.45
N SER A 285 11.95 -4.88 -5.67
CA SER A 285 11.47 -3.52 -5.75
C SER A 285 11.02 -3.27 -7.18
N VAL A 286 9.80 -3.69 -7.48
CA VAL A 286 9.29 -3.62 -8.83
C VAL A 286 9.11 -2.15 -9.20
N TRP A 287 8.55 -1.37 -8.29
CA TRP A 287 8.53 0.05 -8.46
C TRP A 287 8.56 0.72 -7.09
N ALA A 288 9.40 1.74 -6.97
CA ALA A 288 9.55 2.46 -5.73
C ALA A 288 9.76 3.96 -5.95
N ILE A 289 9.33 4.70 -4.95
CA ILE A 289 9.61 6.11 -4.81
C ILE A 289 11.01 6.25 -4.21
N GLN A 290 11.82 7.08 -4.86
CA GLN A 290 13.24 7.24 -4.55
C GLN A 290 13.43 8.46 -3.66
N TYR A 291 13.96 8.29 -2.45
CA TYR A 291 14.30 9.43 -1.57
C TYR A 291 15.84 9.53 -1.54
N SER A 292 16.38 10.63 -1.02
CA SER A 292 17.84 10.78 -0.86
C SER A 292 18.14 11.88 0.14
N ILE A 293 19.36 11.86 0.71
CA ILE A 293 19.75 12.91 1.73
C ILE A 293 20.36 14.21 1.16
N ASN A 301 15.76 15.21 -0.70
CA ASN A 301 14.41 14.69 -0.71
C ASN A 301 14.20 13.53 0.30
N LEU A 302 14.01 13.84 1.58
CA LEU A 302 13.71 12.82 2.59
C LEU A 302 12.21 12.52 2.59
N ASN A 303 11.85 11.36 3.13
CA ASN A 303 10.44 11.00 3.24
C ASN A 303 9.77 11.64 4.45
N TRP A 304 9.44 12.93 4.34
CA TRP A 304 8.81 13.71 5.43
C TRP A 304 7.41 13.20 5.81
N GLY A 305 6.71 12.57 4.86
CA GLY A 305 5.40 11.97 5.11
C GLY A 305 5.35 10.84 6.14
N MET A 306 6.50 10.25 6.48
CA MET A 306 6.61 9.29 7.58
C MET A 306 7.07 9.94 8.89
N GLY A 307 7.18 11.28 8.92
CA GLY A 307 7.72 11.98 10.09
C GLY A 307 7.07 11.67 11.44
N LEU A 308 5.79 11.29 11.45
CA LEU A 308 5.12 11.02 12.70
C LEU A 308 5.38 9.61 13.22
N THR A 309 5.90 8.68 12.40
CA THR A 309 5.89 7.26 12.75
C THR A 309 7.16 6.77 13.44
N THR A 310 8.11 7.67 13.63
CA THR A 310 9.24 7.34 14.48
C THR A 310 8.80 7.08 15.95
N PRO A 311 9.50 6.18 16.64
CA PRO A 311 9.13 5.90 18.01
C PRO A 311 9.52 7.02 18.96
N GLN A 312 8.91 6.95 20.15
CA GLN A 312 9.03 8.02 21.14
C GLN A 312 10.45 8.17 21.64
N ILE A 313 11.27 7.13 21.48
CA ILE A 313 12.68 7.19 21.90
C ILE A 313 13.43 8.30 21.16
N LEU A 314 12.99 8.65 19.96
CA LEU A 314 13.55 9.80 19.25
C LEU A 314 12.92 11.13 19.62
N GLY A 315 12.03 11.18 20.61
CA GLY A 315 11.37 12.43 21.07
C GLY A 315 9.95 12.61 20.55
N CYS A 316 9.67 12.05 19.36
CA CYS A 316 8.35 12.16 18.73
C CYS A 316 8.31 11.11 17.61
N CYS A 317 7.16 10.68 17.06
CA CYS A 317 5.79 11.01 17.53
C CYS A 317 4.92 9.85 17.84
N ASP A 318 5.44 8.64 17.66
CA ASP A 318 4.71 7.45 18.09
C ASP A 318 3.36 7.22 17.36
N PHE A 319 3.27 7.62 16.09
CA PHE A 319 2.12 7.28 15.26
C PHE A 319 2.32 5.97 14.49
N HIS A 320 1.22 5.40 14.02
CA HIS A 320 1.27 4.19 13.14
C HIS A 320 1.77 3.00 13.95
N LYS A 321 0.93 2.59 14.89
CA LYS A 321 1.33 1.58 15.86
C LYS A 321 0.74 0.25 15.55
N PRO A 322 1.60 -0.80 15.44
CA PRO A 322 1.03 -2.13 15.22
C PRO A 322 0.05 -2.52 16.31
N SER A 323 -1.04 -3.17 15.92
CA SER A 323 -2.02 -3.69 16.87
C SER A 323 -1.57 -5.01 17.47
N GLN A 324 -2.18 -5.36 18.61
CA GLN A 324 -2.00 -6.69 19.19
C GLN A 324 -2.57 -7.74 18.24
N ASN A 325 -3.67 -7.41 17.55
CA ASN A 325 -4.26 -8.34 16.58
C ASN A 325 -3.22 -8.75 15.51
N LEU A 326 -2.46 -7.78 14.99
CA LEU A 326 -1.47 -8.07 13.97
C LEU A 326 -0.33 -8.88 14.55
N VAL A 327 0.11 -8.53 15.77
CA VAL A 327 1.18 -9.31 16.41
C VAL A 327 0.75 -10.75 16.54
N ASN A 328 -0.48 -10.95 16.96
CA ASN A 328 -0.98 -12.30 17.12
C ASN A 328 -1.12 -13.05 15.84
N ALA A 329 -1.40 -12.33 14.76
CA ALA A 329 -1.53 -12.98 13.46
C ALA A 329 -0.28 -13.67 12.97
N PHE A 330 0.89 -13.31 13.51
CA PHE A 330 2.14 -14.05 13.19
C PHE A 330 2.35 -15.37 13.91
N LYS A 331 1.48 -15.67 14.86
CA LYS A 331 1.59 -16.96 15.56
C LYS A 331 1.36 -18.12 14.58
N THR A 332 2.03 -19.24 14.80
CA THR A 332 1.83 -20.43 14.00
C THR A 332 1.58 -21.63 14.86
N ASP A 333 0.96 -22.64 14.26
CA ASP A 333 0.61 -23.85 14.96
C ASP A 333 1.80 -24.76 15.04
N SER A 334 1.62 -25.99 15.58
CA SER A 334 2.75 -26.91 15.74
C SER A 334 3.37 -27.41 14.43
N GLN A 335 2.60 -27.28 13.33
CA GLN A 335 3.07 -27.56 11.99
C GLN A 335 3.54 -26.33 11.15
N GLY A 336 3.64 -25.14 11.73
CA GLY A 336 4.12 -23.97 11.03
C GLY A 336 3.10 -23.28 10.14
N LYS A 337 1.80 -23.52 10.40
CA LYS A 337 0.70 -22.83 9.66
C LYS A 337 0.01 -21.80 10.52
N PRO A 338 -0.71 -20.84 9.88
CA PRO A 338 -1.43 -19.86 10.68
C PRO A 338 -2.52 -20.49 11.54
N LEU A 339 -2.74 -19.90 12.71
CA LEU A 339 -3.83 -20.27 13.60
C LEU A 339 -5.14 -19.58 13.17
N PHE A 340 -5.66 -20.08 12.05
CA PHE A 340 -6.75 -19.42 11.32
C PHE A 340 -7.92 -19.02 12.21
N SER A 341 -8.37 -19.94 13.05
CA SER A 341 -9.55 -19.65 13.92
C SER A 341 -9.22 -19.25 15.37
N THR A 342 -8.02 -19.53 15.85
CA THR A 342 -7.68 -19.29 17.26
C THR A 342 -6.60 -18.30 17.58
N TYR A 343 -5.92 -17.76 16.56
CA TYR A 343 -4.72 -16.95 16.78
C TYR A 343 -4.89 -15.82 17.79
N ASP A 344 -6.09 -15.22 17.79
CA ASP A 344 -6.26 -13.97 18.53
C ASP A 344 -6.79 -14.19 19.95
N ASN A 345 -6.95 -15.45 20.36
CA ASN A 345 -7.60 -15.80 21.62
C ASN A 345 -6.70 -15.54 22.83
N GLU A 346 -5.39 -15.69 22.64
CA GLU A 346 -4.41 -15.28 23.64
C GLU A 346 -3.26 -14.56 22.93
N ASN A 347 -2.67 -13.57 23.57
CA ASN A 347 -1.57 -12.85 22.96
C ASN A 347 -0.36 -13.70 22.78
N TYR A 348 0.38 -13.43 21.70
CA TYR A 348 1.66 -14.09 21.44
C TYR A 348 2.55 -14.06 22.66
N GLU A 349 3.10 -15.21 23.00
CA GLU A 349 4.00 -15.40 24.13
C GLU A 349 5.26 -16.01 23.58
N VAL A 350 6.34 -15.25 23.66
CA VAL A 350 7.58 -15.61 23.03
C VAL A 350 8.02 -17.02 23.45
N ALA A 351 8.03 -17.27 24.77
CA ALA A 351 8.58 -18.53 25.32
C ALA A 351 7.91 -19.79 24.79
N THR A 352 6.60 -19.73 24.55
CA THR A 352 5.86 -20.92 24.28
C THR A 352 5.38 -21.07 22.85
N ASP A 353 5.22 -19.97 22.12
CA ASP A 353 4.49 -20.02 20.86
C ASP A 353 5.44 -20.09 19.65
N ASN A 354 5.06 -20.92 18.71
CA ASN A 354 5.65 -20.84 17.38
C ASN A 354 5.26 -19.53 16.69
N VAL A 355 6.17 -19.01 15.89
CA VAL A 355 5.96 -17.66 15.30
C VAL A 355 6.65 -17.57 13.94
N ASP A 356 6.08 -16.72 13.10
CA ASP A 356 6.60 -16.40 11.73
C ASP A 356 7.70 -15.36 11.87
N PRO A 357 8.89 -15.61 11.31
CA PRO A 357 9.94 -14.61 11.31
C PRO A 357 9.55 -13.22 10.81
N ARG A 358 8.53 -13.12 9.96
CA ARG A 358 8.12 -11.81 9.48
C ARG A 358 7.68 -10.84 10.60
N LEU A 359 7.22 -11.40 11.72
CA LEU A 359 6.88 -10.56 12.90
C LEU A 359 8.03 -9.64 13.23
N PHE A 360 9.25 -10.18 13.21
CA PHE A 360 10.39 -9.45 13.72
C PHE A 360 10.98 -8.51 12.71
N HIS A 361 10.43 -8.49 11.50
CA HIS A 361 10.77 -7.47 10.50
C HIS A 361 9.67 -6.45 10.35
N THR A 362 8.56 -6.68 11.04
CA THR A 362 7.34 -5.87 10.94
C THR A 362 7.07 -5.03 12.21
N VAL A 363 7.21 -5.67 13.36
CA VAL A 363 6.84 -5.05 14.62
C VAL A 363 7.98 -5.08 15.61
N GLY A 364 8.32 -3.92 16.18
CA GLY A 364 9.25 -3.84 17.30
C GLY A 364 8.47 -4.00 18.58
N MET A 365 8.84 -5.02 19.35
CA MET A 365 8.13 -5.38 20.54
C MET A 365 9.02 -5.25 21.79
N PRO A 366 8.37 -5.01 22.95
CA PRO A 366 9.11 -4.90 24.19
C PRO A 366 10.00 -6.11 24.44
N GLY A 367 11.23 -5.84 24.83
CA GLY A 367 12.21 -6.87 25.10
C GLY A 367 13.16 -7.12 23.95
N PHE A 368 12.88 -6.55 22.76
CA PHE A 368 13.65 -6.81 21.56
C PHE A 368 14.31 -5.53 21.03
N PRO A 369 15.36 -5.70 20.19
CA PRO A 369 16.04 -4.57 19.60
C PRO A 369 15.09 -3.81 18.68
N TYR A 370 15.23 -2.50 18.64
CA TYR A 370 14.53 -1.67 17.67
C TYR A 370 15.32 -1.64 16.36
N LYS A 371 14.65 -2.03 15.27
CA LYS A 371 15.29 -2.13 13.94
C LYS A 371 16.71 -2.74 14.04
N TYR A 372 16.83 -3.85 14.75
CA TYR A 372 18.07 -4.66 14.76
C TYR A 372 19.25 -4.00 15.47
N ASN A 373 19.00 -2.95 16.26
CA ASN A 373 20.05 -2.26 16.97
C ASN A 373 19.88 -2.62 18.46
N GLU A 374 20.73 -3.53 18.93
CA GLU A 374 20.79 -3.96 20.34
C GLU A 374 21.03 -2.86 21.38
N GLY A 375 21.53 -1.71 20.98
CA GLY A 375 21.55 -0.53 21.84
C GLY A 375 20.20 0.09 22.16
N TYR A 376 19.12 -0.29 21.45
CA TYR A 376 17.79 0.27 21.69
C TYR A 376 16.81 -0.89 21.91
N ILE A 377 16.73 -1.34 23.14
CA ILE A 377 15.79 -2.38 23.49
C ILE A 377 14.45 -1.70 23.84
N ILE A 378 13.40 -2.14 23.16
CA ILE A 378 12.04 -1.62 23.37
C ILE A 378 11.57 -2.02 24.77
N GLN A 379 10.91 -1.10 25.46
CA GLN A 379 10.36 -1.37 26.80
C GLN A 379 8.94 -0.85 26.91
N LYS A 380 8.19 -1.42 27.86
CA LYS A 380 6.86 -0.90 28.18
C LYS A 380 6.96 0.34 29.08
N ASN A 381 7.44 1.46 28.56
CA ASN A 381 7.59 2.70 29.37
C ASN A 381 7.41 3.92 28.47
N ASP A 382 7.52 5.12 29.03
CA ASP A 382 7.27 6.35 28.27
C ASP A 382 8.35 6.71 27.26
N ASP A 383 9.49 6.01 27.26
CA ASP A 383 10.39 6.14 26.14
C ASP A 383 9.82 5.50 24.86
N TRP A 384 8.84 4.61 24.98
CA TRP A 384 8.29 3.87 23.84
C TRP A 384 6.77 4.04 23.69
N SER A 385 6.25 5.08 24.34
CA SER A 385 4.87 5.49 24.22
C SER A 385 4.69 6.96 24.49
N ARG A 386 3.97 7.61 23.60
CA ARG A 386 3.63 9.01 23.73
C ARG A 386 2.29 9.24 24.45
N SER A 387 1.60 8.18 24.83
CA SER A 387 0.23 8.27 25.32
C SER A 387 0.10 7.47 26.60
N LYS A 388 1.21 7.31 27.33
CA LYS A 388 1.23 6.54 28.59
C LYS A 388 0.68 5.14 28.44
N GLY A 389 0.92 4.52 27.28
CA GLY A 389 0.45 3.20 27.05
C GLY A 389 -0.89 3.03 26.40
N LEU A 390 -1.65 4.10 26.16
CA LEU A 390 -2.99 3.95 25.57
C LEU A 390 -2.94 3.11 24.24
N TYR A 391 -2.02 3.51 23.35
CA TYR A 391 -1.85 2.86 22.05
C TYR A 391 -0.76 1.77 22.05
N GLY A 392 -0.36 1.34 23.24
CA GLY A 392 0.61 0.27 23.39
C GLY A 392 2.03 0.63 23.08
N TYR A 393 2.85 -0.41 23.07
CA TYR A 393 4.29 -0.28 23.02
C TYR A 393 4.95 -0.86 21.76
N TYR A 394 4.15 -1.19 20.77
CA TYR A 394 4.73 -1.70 19.48
C TYR A 394 5.16 -0.57 18.57
N VAL A 395 6.16 -0.83 17.73
CA VAL A 395 6.69 0.13 16.78
C VAL A 395 6.61 -0.46 15.39
N SER A 396 6.22 0.33 14.41
CA SER A 396 6.20 -0.16 13.02
C SER A 396 7.63 -0.12 12.51
N LEU A 397 8.21 -1.25 12.20
CA LEU A 397 9.65 -1.27 11.75
C LEU A 397 9.88 -0.91 10.30
N LYS A 398 8.91 -1.21 9.44
CA LYS A 398 9.19 -1.19 7.98
C LYS A 398 9.62 0.15 7.42
N GLU A 399 8.99 1.22 7.89
CA GLU A 399 9.34 2.57 7.40
C GLU A 399 10.43 3.25 8.25
N ASN A 400 10.85 2.60 9.34
CA ASN A 400 11.81 3.16 10.26
C ASN A 400 13.19 2.58 9.95
N VAL A 401 14.23 3.27 10.38
CA VAL A 401 15.58 2.83 10.17
C VAL A 401 16.35 2.78 11.50
N ASP A 402 17.55 2.20 11.42
CA ASP A 402 18.45 2.13 12.57
C ASP A 402 18.63 3.57 13.04
N PRO A 403 18.41 3.85 14.32
CA PRO A 403 18.63 5.25 14.72
C PRO A 403 20.04 5.85 14.47
N ASP A 404 21.04 4.98 14.37
CA ASP A 404 22.40 5.43 14.00
C ASP A 404 22.64 5.61 12.51
N CYS A 405 21.62 5.37 11.66
CA CYS A 405 21.79 5.44 10.20
C CYS A 405 22.16 6.84 9.79
N ASP A 406 23.14 6.95 8.90
CA ASP A 406 23.43 8.21 8.22
C ASP A 406 22.26 8.66 7.35
N CYS A 407 21.34 7.74 7.03
CA CYS A 407 20.18 8.06 6.19
C CYS A 407 19.04 8.77 6.98
N LEU A 408 19.23 8.99 8.28
CA LEU A 408 18.20 9.52 9.17
C LEU A 408 18.58 10.98 9.54
N LYS A 409 17.70 11.92 9.25
CA LYS A 409 17.90 13.37 9.59
C LYS A 409 16.77 13.93 10.43
N LYS A 410 17.06 14.99 11.18
CA LYS A 410 16.05 15.63 12.01
C LYS A 410 15.82 17.04 11.48
N GLY A 411 14.63 17.28 10.94
CA GLY A 411 14.13 18.64 10.66
C GLY A 411 13.15 18.94 11.77
N SER A 412 11.93 19.37 11.44
CA SER A 412 10.81 19.43 12.41
C SER A 412 10.47 18.06 13.01
N TYR A 413 10.59 17.05 12.12
CA TYR A 413 10.40 15.65 12.42
C TYR A 413 11.63 14.88 11.91
N TRP A 414 11.74 13.63 12.38
CA TRP A 414 12.80 12.75 11.93
C TRP A 414 12.31 12.10 10.64
N ALA A 415 13.15 12.07 9.61
CA ALA A 415 12.83 11.45 8.32
C ALA A 415 14.07 10.82 7.71
N SER A 416 13.86 9.78 6.91
CA SER A 416 14.97 9.05 6.29
C SER A 416 14.81 9.03 4.75
N SER A 417 15.86 8.58 4.08
CA SER A 417 15.90 8.39 2.66
C SER A 417 15.50 6.97 2.21
N LEU A 418 14.99 6.13 3.13
CA LEU A 418 14.58 4.75 2.78
C LEU A 418 13.52 4.81 1.68
N ASN A 419 13.71 4.08 0.58
CA ASN A 419 12.76 4.11 -0.52
C ASN A 419 11.41 3.56 -0.04
N HIS A 420 10.34 4.05 -0.64
CA HIS A 420 8.99 3.50 -0.39
C HIS A 420 8.66 2.61 -1.61
N ILE A 421 8.60 1.31 -1.42
CA ILE A 421 8.30 0.38 -2.53
C ILE A 421 6.79 0.37 -2.71
N VAL A 422 6.30 0.77 -3.87
CA VAL A 422 4.87 0.76 -4.20
C VAL A 422 4.42 -0.65 -4.58
N ILE A 423 5.28 -1.37 -5.32
CA ILE A 423 4.98 -2.74 -5.75
C ILE A 423 6.14 -3.59 -5.37
N ARG A 424 5.95 -4.49 -4.39
CA ARG A 424 6.95 -5.53 -4.11
C ARG A 424 6.61 -6.77 -4.95
N TYR A 425 7.63 -7.49 -5.40
CA TYR A 425 7.38 -8.74 -6.12
C TYR A 425 6.51 -9.76 -5.39
N ALA A 426 6.57 -9.83 -4.07
CA ALA A 426 5.68 -10.70 -3.35
C ALA A 426 4.22 -10.41 -3.66
N ASP A 427 3.89 -9.16 -3.90
CA ASP A 427 2.52 -8.76 -4.19
C ASP A 427 2.17 -9.30 -5.61
N VAL A 428 3.10 -9.27 -6.56
CA VAL A 428 2.85 -9.87 -7.87
C VAL A 428 2.45 -11.32 -7.72
N LEU A 429 3.24 -12.08 -6.94
CA LEU A 429 2.96 -13.49 -6.77
C LEU A 429 1.63 -13.71 -6.07
N LEU A 430 1.35 -12.94 -5.02
CA LEU A 430 0.09 -13.14 -4.32
C LEU A 430 -1.12 -12.63 -5.08
N MET A 431 -0.96 -11.61 -5.92
CA MET A 431 -2.04 -11.18 -6.79
C MET A 431 -2.39 -12.28 -7.82
N ARG A 432 -1.34 -12.87 -8.37
CA ARG A 432 -1.47 -13.99 -9.27
C ARG A 432 -2.21 -15.16 -8.61
N ALA A 433 -1.77 -15.56 -7.42
CA ALA A 433 -2.46 -16.62 -6.65
C ALA A 433 -3.94 -16.30 -6.43
N GLU A 434 -4.22 -15.06 -5.99
CA GLU A 434 -5.60 -14.64 -5.75
C GLU A 434 -6.46 -14.79 -6.99
N ALA A 435 -5.96 -14.33 -8.13
CA ALA A 435 -6.70 -14.42 -9.38
C ALA A 435 -6.95 -15.87 -9.78
N LEU A 436 -5.91 -16.70 -9.61
CA LEU A 436 -6.06 -18.11 -9.97
C LEU A 436 -7.09 -18.77 -9.06
N ILE A 437 -7.06 -18.46 -7.76
CA ILE A 437 -8.02 -19.06 -6.84
C ILE A 437 -9.44 -18.59 -7.17
N GLN A 438 -9.61 -17.31 -7.48
CA GLN A 438 -10.96 -16.79 -7.81
C GLN A 438 -11.50 -17.34 -9.15
N LEU A 439 -10.60 -17.63 -10.08
CA LEU A 439 -10.98 -18.26 -11.36
C LEU A 439 -11.47 -19.69 -11.18
N ASN A 440 -10.88 -20.43 -10.24
CA ASN A 440 -11.31 -21.81 -9.86
C ASN A 440 -11.53 -22.66 -11.11
N ASP A 441 -10.53 -22.62 -11.97
CA ASP A 441 -10.55 -23.30 -13.25
C ASP A 441 -9.52 -24.40 -13.42
N GLY A 442 -9.08 -24.95 -12.29
CA GLY A 442 -8.09 -26.03 -12.26
C GLY A 442 -6.67 -25.62 -11.94
N ARG A 443 -6.49 -24.39 -11.44
CA ARG A 443 -5.15 -23.92 -11.16
C ARG A 443 -4.98 -23.46 -9.71
N ILE A 444 -5.80 -24.00 -8.79
CA ILE A 444 -5.64 -23.71 -7.37
C ILE A 444 -4.31 -24.29 -6.84
N THR A 445 -3.90 -25.47 -7.32
CA THR A 445 -2.63 -26.03 -6.87
C THR A 445 -1.45 -25.13 -7.32
N ASP A 446 -1.54 -24.55 -8.52
CA ASP A 446 -0.56 -23.58 -9.01
CA ASP A 446 -0.57 -23.55 -9.04
C ASP A 446 -0.53 -22.39 -8.03
N ALA A 447 -1.70 -21.89 -7.64
CA ALA A 447 -1.79 -20.77 -6.70
C ALA A 447 -1.15 -21.08 -5.34
N ILE A 448 -1.33 -22.31 -4.85
CA ILE A 448 -0.72 -22.72 -3.56
C ILE A 448 0.79 -22.72 -3.70
N SER A 449 1.26 -23.20 -4.85
CA SER A 449 2.71 -23.16 -5.15
C SER A 449 3.29 -21.75 -5.11
N LEU A 450 2.52 -20.80 -5.62
CA LEU A 450 2.85 -19.39 -5.51
C LEU A 450 2.85 -18.85 -4.11
N ILE A 451 1.84 -19.18 -3.33
CA ILE A 451 1.83 -18.78 -1.93
C ILE A 451 3.10 -19.31 -1.23
N ASN A 452 3.43 -20.56 -1.52
CA ASN A 452 4.56 -21.23 -0.90
C ASN A 452 5.90 -20.58 -1.29
N GLU A 453 6.02 -19.94 -2.47
CA GLU A 453 7.25 -19.22 -2.79
CA GLU A 453 7.25 -19.23 -2.82
C GLU A 453 7.47 -18.09 -1.79
N VAL A 454 6.39 -17.38 -1.50
CA VAL A 454 6.42 -16.30 -0.46
C VAL A 454 6.61 -16.87 0.94
N ARG A 455 5.85 -17.91 1.28
CA ARG A 455 5.86 -18.42 2.63
C ARG A 455 7.23 -19.07 2.96
N SER A 456 7.80 -19.85 2.02
CA SER A 456 9.14 -20.40 2.18
CA SER A 456 9.11 -20.41 2.25
C SER A 456 10.23 -19.35 2.33
N ARG A 457 10.10 -18.28 1.58
CA ARG A 457 11.02 -17.22 1.71
C ARG A 457 11.01 -16.69 3.16
N ALA A 458 9.82 -16.52 3.71
CA ALA A 458 9.67 -16.04 5.12
C ALA A 458 10.34 -17.00 6.12
N ALA A 459 10.17 -18.29 5.92
CA ALA A 459 10.76 -19.27 6.79
C ALA A 459 12.27 -19.15 6.92
N GLY A 460 12.97 -18.77 5.86
CA GLY A 460 14.40 -18.61 5.88
C GLY A 460 14.86 -17.23 6.25
N SER A 461 13.93 -16.30 6.50
CA SER A 461 14.30 -14.88 6.61
C SER A 461 14.81 -14.50 8.01
N THR A 462 15.96 -15.04 8.40
CA THR A 462 16.50 -14.74 9.73
C THR A 462 17.84 -13.98 9.70
N MET A 463 18.13 -13.28 8.60
CA MET A 463 19.51 -12.71 8.41
C MET A 463 20.06 -11.86 9.55
N LEU A 464 19.21 -11.00 10.11
CA LEU A 464 19.59 -10.06 11.16
C LEU A 464 18.98 -10.42 12.52
N ILE A 465 18.35 -11.59 12.62
CA ILE A 465 17.66 -12.04 13.81
C ILE A 465 17.98 -13.48 14.12
N PHE A 466 19.06 -13.99 13.55
CA PHE A 466 19.36 -15.42 13.67
C PHE A 466 19.72 -15.87 15.08
N ASN A 467 20.12 -14.95 15.94
CA ASN A 467 20.42 -15.22 17.36
C ASN A 467 19.15 -15.22 18.27
N TYR A 468 17.97 -14.98 17.72
CA TYR A 468 16.82 -14.73 18.60
C TYR A 468 16.33 -15.99 19.36
N LYS A 469 16.58 -17.19 18.84
CA LYS A 469 16.27 -18.43 19.56
C LYS A 469 17.19 -18.55 20.74
N GLU A 470 18.49 -18.47 20.48
CA GLU A 470 19.47 -18.57 21.57
C GLU A 470 19.33 -17.44 22.58
N ASP A 471 19.20 -16.20 22.13
CA ASP A 471 19.17 -15.04 23.02
C ASP A 471 17.84 -14.69 23.67
N TYR A 472 16.74 -14.91 22.96
CA TYR A 472 15.41 -14.53 23.47
C TYR A 472 14.42 -15.67 23.59
N GLY A 473 14.76 -16.88 23.18
CA GLY A 473 13.81 -18.00 23.24
C GLY A 473 12.74 -18.03 22.10
N VAL A 474 12.96 -17.25 21.04
CA VAL A 474 11.99 -17.21 19.93
C VAL A 474 11.96 -18.57 19.24
N ASN A 475 10.75 -19.09 19.03
CA ASN A 475 10.50 -20.35 18.33
C ASN A 475 10.01 -20.08 16.91
N PHE A 476 10.95 -19.97 15.97
CA PHE A 476 10.59 -19.70 14.58
C PHE A 476 9.97 -20.98 13.99
N LYS A 477 8.79 -20.89 13.36
CA LYS A 477 8.31 -22.02 12.59
C LYS A 477 7.29 -21.59 11.53
N VAL A 478 7.69 -21.71 10.28
CA VAL A 478 6.79 -21.42 9.14
C VAL A 478 7.03 -22.51 8.13
N THR A 479 5.99 -23.18 7.70
CA THR A 479 6.14 -24.21 6.68
C THR A 479 5.22 -23.95 5.49
N PRO A 480 5.69 -24.30 4.29
CA PRO A 480 4.81 -24.20 3.13
C PRO A 480 3.66 -25.23 3.20
N TYR A 481 2.60 -24.98 2.46
CA TYR A 481 1.46 -25.88 2.42
C TYR A 481 1.70 -27.07 1.50
N ASP A 482 1.09 -28.18 1.83
CA ASP A 482 1.08 -29.35 0.96
C ASP A 482 0.33 -29.04 -0.31
N LEU A 483 0.86 -29.52 -1.42
CA LEU A 483 0.32 -29.26 -2.75
C LEU A 483 -0.71 -30.30 -3.10
N LYS A 484 -1.87 -30.11 -2.53
CA LYS A 484 -2.97 -31.08 -2.70
C LYS A 484 -4.14 -30.28 -3.10
N ALA A 485 -5.26 -30.99 -3.29
CA ALA A 485 -6.51 -30.37 -3.71
C ALA A 485 -7.03 -29.56 -2.54
N TYR A 486 -7.29 -28.27 -2.75
CA TYR A 486 -8.01 -27.50 -1.73
C TYR A 486 -9.30 -27.00 -2.32
N ALA A 487 -10.35 -26.96 -1.53
CA ALA A 487 -11.52 -26.23 -1.98
C ALA A 487 -11.21 -24.74 -2.12
N GLN A 488 -12.00 -24.09 -2.94
CA GLN A 488 -11.76 -22.69 -3.22
C GLN A 488 -11.75 -21.82 -1.97
N ASP A 489 -12.69 -22.05 -1.06
CA ASP A 489 -12.79 -21.20 0.13
C ASP A 489 -11.57 -21.37 1.08
N GLU A 490 -11.10 -22.63 1.22
CA GLU A 490 -9.89 -22.91 1.97
CA GLU A 490 -9.89 -22.90 2.00
C GLU A 490 -8.65 -22.23 1.35
N ALA A 491 -8.51 -22.34 0.02
CA ALA A 491 -7.40 -21.69 -0.68
C ALA A 491 -7.46 -20.19 -0.51
N MET A 492 -8.64 -19.61 -0.58
CA MET A 492 -8.77 -18.15 -0.41
C MET A 492 -8.38 -17.71 1.00
N LYS A 493 -8.73 -18.53 1.98
CA LYS A 493 -8.33 -18.28 3.36
C LYS A 493 -6.83 -18.28 3.48
N MET A 494 -6.18 -19.24 2.85
CA MET A 494 -4.70 -19.33 2.87
C MET A 494 -4.06 -18.11 2.17
N LEU A 495 -4.68 -17.69 1.05
CA LEU A 495 -4.25 -16.47 0.38
C LEU A 495 -4.36 -15.21 1.27
N LYS A 496 -5.52 -14.97 1.87
CA LYS A 496 -5.74 -13.80 2.69
C LYS A 496 -4.72 -13.79 3.86
N TRP A 497 -4.48 -14.94 4.43
CA TRP A 497 -3.59 -15.08 5.53
C TRP A 497 -2.15 -14.81 5.10
N GLU A 498 -1.78 -15.25 3.88
CA GLU A 498 -0.43 -14.95 3.45
C GLU A 498 -0.29 -13.44 3.22
N ARG A 499 -1.30 -12.78 2.64
CA ARG A 499 -1.25 -11.33 2.59
C ARG A 499 -1.11 -10.65 3.94
N ARG A 500 -1.80 -11.19 4.93
CA ARG A 500 -1.82 -10.59 6.27
C ARG A 500 -0.41 -10.51 6.84
N VAL A 501 0.29 -11.63 6.79
CA VAL A 501 1.63 -11.68 7.38
C VAL A 501 2.70 -11.12 6.46
N GLU A 502 2.46 -11.16 5.13
CA GLU A 502 3.43 -10.59 4.21
C GLU A 502 3.45 -9.07 4.24
N PHE A 503 2.28 -8.44 4.35
CA PHE A 503 2.15 -6.98 4.11
C PHE A 503 1.64 -6.20 5.31
N GLY A 504 1.85 -6.75 6.51
CA GLY A 504 1.48 -6.02 7.73
C GLY A 504 2.11 -4.64 7.77
N MET A 505 1.27 -3.63 8.08
CA MET A 505 1.72 -2.25 8.22
C MET A 505 2.10 -1.56 6.90
N GLU A 506 1.86 -2.18 5.76
CA GLU A 506 2.23 -1.58 4.47
C GLU A 506 1.01 -0.90 3.84
N SER A 507 -0.07 -0.76 4.62
CA SER A 507 -1.15 0.15 4.28
C SER A 507 -2.11 -0.25 3.15
N SER A 508 -2.15 -1.55 2.83
CA SER A 508 -3.17 -2.08 1.92
C SER A 508 -4.17 -3.01 2.58
N ARG A 509 -4.04 -3.23 3.88
CA ARG A 509 -4.91 -4.20 4.52
C ARG A 509 -6.39 -3.77 4.44
N PHE A 510 -6.66 -2.52 4.80
CA PHE A 510 -8.03 -2.05 4.72
C PHE A 510 -8.56 -2.14 3.29
N PHE A 511 -7.75 -1.67 2.33
CA PHE A 511 -8.15 -1.74 0.90
C PHE A 511 -8.43 -3.16 0.41
N ASP A 512 -7.68 -4.16 0.93
CA ASP A 512 -7.98 -5.57 0.60
C ASP A 512 -9.37 -5.98 1.12
N LEU A 513 -9.68 -5.61 2.37
CA LEU A 513 -10.94 -6.02 2.99
C LEU A 513 -12.13 -5.43 2.19
N VAL A 514 -11.97 -4.23 1.69
CA VAL A 514 -13.00 -3.60 0.86
C VAL A 514 -13.08 -4.26 -0.51
N ARG A 515 -11.92 -4.54 -1.10
CA ARG A 515 -11.90 -5.29 -2.34
C ARG A 515 -12.75 -6.57 -2.19
N TRP A 516 -12.51 -7.30 -1.10
CA TRP A 516 -13.16 -8.59 -0.80
C TRP A 516 -14.62 -8.46 -0.34
N GLY A 517 -15.13 -7.25 -0.12
CA GLY A 517 -16.54 -7.02 0.28
C GLY A 517 -16.80 -7.43 1.69
N GLU A 518 -15.78 -7.46 2.56
CA GLU A 518 -16.00 -7.90 3.94
C GLU A 518 -15.46 -6.96 4.99
N ALA A 519 -15.25 -5.71 4.64
CA ALA A 519 -14.69 -4.78 5.57
C ALA A 519 -15.62 -4.65 6.79
N LYS A 520 -16.93 -4.50 6.58
CA LYS A 520 -17.81 -4.32 7.78
C LYS A 520 -17.66 -5.44 8.79
N ASP A 521 -17.71 -6.68 8.33
CA ASP A 521 -17.64 -7.83 9.22
C ASP A 521 -16.29 -7.99 9.88
N VAL A 522 -15.21 -7.82 9.09
CA VAL A 522 -13.87 -8.03 9.67
C VAL A 522 -13.54 -6.91 10.66
N ILE A 523 -13.81 -5.66 10.25
CA ILE A 523 -13.45 -4.52 11.07
C ILE A 523 -14.34 -4.45 12.32
N ASN A 524 -15.66 -4.66 12.19
CA ASN A 524 -16.48 -4.72 13.42
C ASN A 524 -16.06 -5.85 14.39
N ALA A 525 -15.71 -7.03 13.88
CA ALA A 525 -15.19 -8.10 14.76
C ALA A 525 -13.89 -7.68 15.45
N TYR A 526 -13.02 -6.96 14.73
CA TYR A 526 -11.75 -6.45 15.30
C TYR A 526 -12.06 -5.40 16.39
N TYR A 527 -13.02 -4.51 16.13
CA TYR A 527 -13.46 -3.57 17.18
C TYR A 527 -13.87 -4.26 18.51
N VAL A 528 -14.66 -5.32 18.41
CA VAL A 528 -15.08 -6.13 19.54
C VAL A 528 -13.89 -6.74 20.28
N THR A 529 -12.99 -7.40 19.55
CA THR A 529 -11.85 -8.07 20.19
C THR A 529 -10.76 -7.11 20.64
N GLU A 530 -10.55 -6.01 19.93
CA GLU A 530 -9.43 -5.14 20.27
C GLU A 530 -9.76 -4.14 21.39
N ALA A 531 -11.05 -3.91 21.63
CA ALA A 531 -11.49 -2.92 22.65
C ALA A 531 -10.98 -3.27 24.05
N SER A 532 -10.81 -4.55 24.34
CA SER A 532 -10.24 -4.99 25.63
C SER A 532 -8.75 -4.68 25.73
N ARG A 533 -8.06 -4.45 24.60
CA ARG A 533 -6.64 -4.12 24.59
C ARG A 533 -6.35 -2.66 24.40
N CYS A 534 -7.11 -1.98 23.54
CA CYS A 534 -6.91 -0.57 23.29
C CYS A 534 -8.28 0.05 23.41
N SER A 535 -8.49 0.81 24.49
CA SER A 535 -9.80 1.31 24.87
C SER A 535 -10.35 2.38 23.91
N ILE A 536 -9.53 2.89 23.00
CA ILE A 536 -10.04 3.77 21.93
C ILE A 536 -11.17 3.16 21.08
N TYR A 537 -11.27 1.82 21.02
CA TYR A 537 -12.30 1.10 20.27
C TYR A 537 -13.64 0.85 20.99
N LYS A 538 -13.77 1.29 22.25
CA LYS A 538 -14.99 1.09 23.03
C LYS A 538 -16.28 1.38 22.27
N ASN A 539 -16.36 2.55 21.65
CA ASN A 539 -17.57 2.94 20.91
C ASN A 539 -17.45 2.90 19.39
N ALA A 540 -16.51 2.08 18.89
CA ALA A 540 -16.31 1.99 17.44
C ALA A 540 -17.43 1.25 16.76
N GLY A 541 -17.62 1.51 15.47
CA GLY A 541 -18.58 0.75 14.70
C GLY A 541 -18.63 1.18 13.28
N PHE A 542 -18.47 0.23 12.37
CA PHE A 542 -18.38 0.46 10.94
C PHE A 542 -19.77 0.30 10.36
N THR A 543 -20.15 1.17 9.43
CA THR A 543 -21.44 1.06 8.78
C THR A 543 -21.24 0.57 7.36
N GLU A 544 -21.81 -0.57 6.99
CA GLU A 544 -21.70 -1.05 5.59
C GLU A 544 -22.44 -0.15 4.67
N ASN A 545 -21.99 -0.12 3.43
CA ASN A 545 -22.49 0.81 2.45
C ASN A 545 -22.39 2.24 2.90
N LYS A 546 -21.22 2.55 3.46
CA LYS A 546 -20.85 3.89 3.86
C LYS A 546 -19.33 3.95 4.06
N ASN A 547 -18.82 3.21 5.01
CA ASN A 547 -17.46 3.38 5.47
C ASN A 547 -16.39 2.58 4.63
N GLU A 548 -16.81 1.91 3.57
CA GLU A 548 -15.88 1.26 2.66
C GLU A 548 -14.96 2.25 1.97
N TYR A 549 -15.43 3.51 1.79
CA TYR A 549 -14.67 4.57 1.17
C TYR A 549 -14.81 5.85 1.97
N LEU A 550 -13.87 6.76 1.74
CA LEU A 550 -13.98 8.11 2.26
C LEU A 550 -15.09 8.82 1.51
N PRO A 551 -15.81 9.71 2.19
CA PRO A 551 -16.69 10.60 1.41
C PRO A 551 -15.90 11.40 0.39
N VAL A 552 -16.53 11.66 -0.74
CA VAL A 552 -15.99 12.62 -1.64
C VAL A 552 -15.96 13.96 -0.85
N PRO A 553 -14.86 14.73 -0.94
CA PRO A 553 -14.77 15.89 -0.04
C PRO A 553 -15.80 16.95 -0.40
N PHE A 554 -16.52 17.42 0.62
CA PHE A 554 -17.56 18.44 0.37
C PHE A 554 -17.04 19.68 -0.37
N GLU A 555 -15.84 20.17 -0.04
CA GLU A 555 -15.28 21.35 -0.69
C GLU A 555 -15.25 21.10 -2.19
N GLN A 556 -14.93 19.86 -2.58
CA GLN A 556 -14.86 19.51 -3.99
C GLN A 556 -16.24 19.48 -4.63
N ILE A 557 -17.17 18.86 -3.94
CA ILE A 557 -18.54 18.82 -4.44
C ILE A 557 -19.09 20.23 -4.64
N SER A 558 -18.84 21.07 -3.65
CA SER A 558 -19.40 22.43 -3.67
C SER A 558 -18.85 23.26 -4.82
N ALA A 559 -17.54 23.15 -5.03
CA ALA A 559 -16.88 23.86 -6.12
C ALA A 559 -17.21 23.36 -7.51
N SER A 560 -17.73 22.12 -7.62
CA SER A 560 -18.11 21.53 -8.89
C SER A 560 -19.50 21.99 -9.39
N ASN A 561 -20.28 22.73 -8.56
CA ASN A 561 -21.65 23.17 -8.94
C ASN A 561 -22.54 22.03 -9.46
N GLY A 562 -22.72 21.01 -8.65
CA GLY A 562 -23.51 19.87 -9.06
C GLY A 562 -22.87 18.85 -9.98
N ASN A 563 -21.61 18.97 -10.40
CA ASN A 563 -21.06 17.97 -11.29
C ASN A 563 -20.52 16.74 -10.57
N TYR A 564 -20.26 16.85 -9.27
CA TYR A 564 -19.71 15.72 -8.48
C TYR A 564 -20.84 15.17 -7.63
N THR A 565 -20.87 13.83 -7.51
CA THR A 565 -21.85 13.08 -6.75
C THR A 565 -21.13 12.47 -5.52
N GLN A 566 -21.85 12.39 -4.39
CA GLN A 566 -21.31 11.85 -3.16
C GLN A 566 -21.41 10.33 -3.18
N ASN A 567 -20.53 9.70 -2.41
CA ASN A 567 -20.59 8.27 -2.20
C ASN A 567 -21.91 7.81 -1.52
N PHE A 568 -22.27 6.57 -1.78
CA PHE A 568 -23.43 5.95 -1.17
C PHE A 568 -23.25 5.97 0.33
N GLY A 569 -24.34 6.37 1.02
CA GLY A 569 -24.35 6.39 2.45
C GLY A 569 -23.84 7.64 3.11
N TRP A 570 -23.37 8.60 2.31
CA TRP A 570 -22.75 9.84 2.80
C TRP A 570 -23.55 11.04 2.42
S SO4 B . -6.68 -23.02 14.21
O1 SO4 B . -6.45 -21.78 14.97
O2 SO4 B . -7.27 -24.01 15.10
O3 SO4 B . -7.64 -22.81 13.06
O4 SO4 B . -5.39 -23.62 13.79
S SO4 C . -6.87 -27.54 -8.71
O1 SO4 C . -7.63 -26.32 -9.03
O2 SO4 C . -7.14 -27.98 -7.28
O3 SO4 C . -7.39 -28.53 -9.69
O4 SO4 C . -5.39 -27.35 -8.87
S SO4 D . -14.90 -25.76 -4.76
O1 SO4 D . -15.52 -24.68 -3.98
O2 SO4 D . -13.46 -25.79 -4.58
O3 SO4 D . -15.29 -25.54 -6.19
O4 SO4 D . -15.40 -27.05 -4.25
S SO4 E . -1.39 -26.66 17.40
O1 SO4 E . -0.95 -25.34 17.92
O2 SO4 E . -1.21 -27.68 18.47
O3 SO4 E . -2.82 -26.57 16.99
O4 SO4 E . -0.60 -27.10 16.23
S SO4 F . 20.85 8.25 0.17
O1 SO4 F . 20.82 9.59 -0.50
O2 SO4 F . 20.63 8.42 1.63
O3 SO4 F . 19.82 7.38 -0.47
O4 SO4 F . 22.18 7.60 0.01
NA NA G . -7.10 0.25 13.33
NA NA H . 13.76 -4.89 7.67
NA NA I . 6.69 1.91 21.00
#